data_1LGB
#
_entry.id   1LGB
#
_cell.length_a   63.500
_cell.length_b   63.500
_cell.length_c   251.900
_cell.angle_alpha   90.00
_cell.angle_beta   90.00
_cell.angle_gamma   90.00
#
_symmetry.space_group_name_H-M   'P 43 21 2'
#
loop_
_entity.id
_entity.type
_entity.pdbx_description
1 polymer 'LEGUME ISOLECTIN II (ALPHA CHAIN)'
2 polymer 'LEGUME ISOLECTIN II (BETA CHAIN)'
3 polymer 'LACTOTRANSFERRIN (N2 FRAGMENT)'
4 branched beta-D-galactopyranose-(1-4)-2-acetamido-2-deoxy-beta-D-glucopyranose-(1-2)-alpha-D-mannopyranose-(1-3)-[2-acetamido-2-deoxy-beta-D-glucopyranose-(1-2)-alpha-D-mannopyranose-(1-6)]beta-D-mannopyranose-(1-4)-2-acetamido-2-deoxy-beta-D-glucopyranose-(1-4)-[alpha-L-fucopyranose-(1-6)]2-acetamido-2-deoxy-beta-D-glucopyranose
5 non-polymer 'MANGANESE (II) ION'
6 non-polymer 'CALCIUM ION'
#
loop_
_entity_poly.entity_id
_entity_poly.type
_entity_poly.pdbx_seq_one_letter_code
_entity_poly.pdbx_strand_id
1 'polypeptide(L)'
;TETTSFSITKFGPDQPNLIFQGDGYTTKERLTLTKAVRNTVGRALYSSPIHIWDSKTGNVANFVTSFTFVIDAPNSYNVA
DGFTFFIAPVDTKPQTGGGYLGVFNSKDYDKTSQTVAVEFDTFYNTAWDPSNGDRHIGIDVNSIKSINTKSWALQNGKEA
NVVIAFNGATNVLTVSLTYPN
;
A
2 'polypeptide(L)' ETSYTLNEVVPLKEFVPEWVRIGFSATTGAEFAAHEVLSWYFNSELAVTSSSN B
3 'polypeptide(L)'
;HYYAVAVVKKGGSFQLNELQGLKSCHTGLRRTAGWNVPIGTLRPFLNWTGPPEPIEAAVARFFSASCVPGADKGQFPNLC
RLCAGTGENKCAFSSQEPYFSYSGAFKCLKDGAGDVAFIRESTVFEDLSDEAERDEYELLCPDNTRKPVDKFKDCHLAR
;
C
#
# COMPACT_ATOMS: atom_id res chain seq x y z
N THR A 1 38.32 -9.96 21.74
CA THR A 1 37.29 -9.42 20.80
C THR A 1 35.95 -10.17 20.92
N GLU A 2 34.88 -9.41 21.04
CA GLU A 2 33.54 -9.95 21.13
C GLU A 2 33.08 -10.03 19.69
N THR A 3 32.44 -11.12 19.29
CA THR A 3 32.02 -11.22 17.91
C THR A 3 30.80 -12.10 17.67
N THR A 4 29.71 -11.50 17.17
CA THR A 4 28.51 -12.26 16.86
C THR A 4 28.22 -12.09 15.37
N SER A 5 27.80 -13.17 14.72
CA SER A 5 27.50 -13.20 13.30
C SER A 5 26.47 -14.26 12.97
N PHE A 6 25.48 -13.89 12.15
CA PHE A 6 24.44 -14.80 11.70
C PHE A 6 24.13 -14.49 10.23
N SER A 7 23.77 -15.54 9.50
CA SER A 7 23.47 -15.47 8.08
C SER A 7 22.25 -16.33 7.76
N ILE A 8 21.13 -15.66 7.50
CA ILE A 8 19.87 -16.32 7.19
C ILE A 8 19.56 -16.27 5.69
N THR A 9 19.23 -17.42 5.11
CA THR A 9 18.94 -17.49 3.70
C THR A 9 17.48 -17.78 3.40
N LYS A 10 16.87 -18.67 4.15
CA LYS A 10 15.48 -19.02 3.90
C LYS A 10 14.71 -19.00 5.19
N PHE A 11 14.08 -17.87 5.48
CA PHE A 11 13.30 -17.72 6.70
C PHE A 11 12.21 -18.77 6.76
N GLY A 12 12.54 -19.93 7.33
CA GLY A 12 11.57 -21.02 7.43
C GLY A 12 10.32 -20.67 8.24
N PRO A 13 9.22 -21.40 8.06
CA PRO A 13 7.94 -21.20 8.74
C PRO A 13 7.98 -21.22 10.27
N ASP A 14 9.03 -21.82 10.84
CA ASP A 14 9.17 -21.88 12.30
C ASP A 14 10.00 -20.70 12.84
N GLN A 15 11.13 -20.45 12.18
CA GLN A 15 12.10 -19.38 12.47
C GLN A 15 12.26 -18.86 13.89
N PRO A 16 12.96 -19.63 14.75
CA PRO A 16 13.27 -19.40 16.18
C PRO A 16 14.32 -18.32 16.48
N ASN A 17 15.38 -18.26 15.69
CA ASN A 17 16.42 -17.27 15.94
C ASN A 17 16.04 -15.83 15.58
N LEU A 18 14.79 -15.49 15.79
CA LEU A 18 14.37 -14.12 15.54
C LEU A 18 13.20 -13.85 16.47
N ILE A 19 12.74 -12.61 16.47
CA ILE A 19 11.61 -12.27 17.29
C ILE A 19 10.73 -11.51 16.30
N PHE A 20 9.46 -11.88 16.28
CA PHE A 20 8.50 -11.26 15.40
C PHE A 20 7.56 -10.53 16.33
N GLN A 21 7.32 -9.26 16.06
CA GLN A 21 6.39 -8.50 16.89
C GLN A 21 5.51 -7.64 16.04
N GLY A 22 4.27 -7.50 16.51
CA GLY A 22 3.26 -6.76 15.78
C GLY A 22 2.62 -7.80 14.85
N ASP A 23 2.80 -7.64 13.55
CA ASP A 23 2.26 -8.62 12.62
C ASP A 23 3.40 -9.57 12.25
N GLY A 24 4.17 -9.20 11.21
CA GLY A 24 5.33 -9.95 10.75
C GLY A 24 5.54 -11.41 11.09
N TYR A 25 5.85 -12.20 10.06
CA TYR A 25 6.06 -13.65 10.20
C TYR A 25 6.81 -14.15 8.99
N THR A 26 7.18 -15.42 8.99
CA THR A 26 7.88 -15.99 7.85
C THR A 26 6.82 -16.44 6.89
N THR A 27 7.22 -16.76 5.67
CA THR A 27 6.26 -17.21 4.66
C THR A 27 7.04 -18.08 3.67
N LYS A 28 6.67 -18.01 2.39
CA LYS A 28 7.35 -18.75 1.35
C LYS A 28 8.85 -18.43 1.43
N GLU A 29 9.59 -19.13 2.30
CA GLU A 29 11.03 -18.92 2.46
C GLU A 29 11.38 -17.44 2.70
N ARG A 30 10.45 -16.65 3.21
CA ARG A 30 10.69 -15.21 3.40
C ARG A 30 10.07 -14.58 4.66
N LEU A 31 10.75 -13.57 5.21
CA LEU A 31 10.24 -12.87 6.39
C LEU A 31 9.31 -11.79 5.85
N THR A 32 8.12 -11.69 6.42
CA THR A 32 7.18 -10.67 5.97
C THR A 32 6.93 -9.73 7.15
N LEU A 33 6.94 -8.43 6.87
CA LEU A 33 6.73 -7.41 7.90
C LEU A 33 5.31 -6.87 7.88
N THR A 34 4.82 -6.47 6.71
CA THR A 34 3.45 -6.00 6.60
C THR A 34 2.79 -6.65 5.39
N LYS A 35 1.60 -7.19 5.59
CA LYS A 35 0.87 -7.82 4.51
C LYS A 35 0.06 -6.68 3.92
N ALA A 36 0.50 -6.18 2.75
CA ALA A 36 -0.10 -5.05 2.01
C ALA A 36 -1.51 -4.55 2.35
N VAL A 37 -1.74 -4.20 3.62
CA VAL A 37 -3.04 -3.71 4.09
C VAL A 37 -2.99 -2.30 4.66
N ARG A 38 -4.11 -1.87 5.26
CA ARG A 38 -4.21 -0.55 5.86
C ARG A 38 -3.96 -0.60 7.36
N ASN A 39 -3.04 0.25 7.83
CA ASN A 39 -2.67 0.39 9.25
C ASN A 39 -2.15 -0.78 10.06
N THR A 40 -1.00 -1.31 9.67
CA THR A 40 -0.45 -2.43 10.42
C THR A 40 1.05 -2.23 10.63
N VAL A 41 1.53 -2.69 11.78
CA VAL A 41 2.94 -2.55 12.17
C VAL A 41 3.67 -3.89 12.06
N GLY A 42 4.87 -3.85 11.49
CA GLY A 42 5.61 -5.08 11.35
C GLY A 42 7.07 -4.92 11.69
N ARG A 43 7.57 -5.81 12.55
CA ARG A 43 8.97 -5.77 12.90
C ARG A 43 9.48 -7.09 13.46
N ALA A 44 10.70 -7.43 13.06
CA ALA A 44 11.36 -8.66 13.51
C ALA A 44 12.79 -8.27 13.82
N LEU A 45 13.26 -8.73 14.98
CA LEU A 45 14.60 -8.43 15.47
C LEU A 45 15.20 -9.68 16.10
N TYR A 46 16.31 -10.13 15.52
CA TYR A 46 17.09 -11.29 15.94
C TYR A 46 17.10 -11.47 17.49
N SER A 47 17.06 -12.71 17.98
CA SER A 47 16.99 -12.96 19.42
C SER A 47 18.16 -12.61 20.39
N SER A 48 19.42 -12.75 19.97
CA SER A 48 20.54 -12.41 20.85
C SER A 48 20.95 -10.95 20.80
N PRO A 49 21.01 -10.28 21.96
CA PRO A 49 21.40 -8.87 21.94
C PRO A 49 22.90 -8.82 21.69
N ILE A 50 23.35 -7.85 20.91
CA ILE A 50 24.79 -7.74 20.63
C ILE A 50 25.29 -6.51 21.37
N HIS A 51 26.55 -6.52 21.82
CA HIS A 51 27.04 -5.32 22.44
C HIS A 51 27.97 -4.59 21.50
N ILE A 52 27.61 -3.34 21.22
CA ILE A 52 28.34 -2.49 20.30
C ILE A 52 29.60 -1.90 20.93
N TRP A 53 29.45 -1.13 21.99
CA TRP A 53 30.59 -0.51 22.63
C TRP A 53 31.01 -1.16 23.93
N ASP A 54 31.96 -0.52 24.58
CA ASP A 54 32.47 -0.98 25.85
C ASP A 54 32.54 0.24 26.75
N SER A 55 31.78 0.24 27.84
CA SER A 55 31.80 1.37 28.76
C SER A 55 33.13 1.25 29.49
N LYS A 56 33.50 -0.01 29.76
CA LYS A 56 34.75 -0.37 30.43
C LYS A 56 35.96 0.19 29.68
N THR A 57 35.79 0.53 28.39
CA THR A 57 36.89 1.06 27.59
C THR A 57 36.42 1.83 26.36
N GLY A 58 35.32 2.58 26.51
CA GLY A 58 34.77 3.40 25.43
C GLY A 58 35.09 3.06 23.99
N ASN A 59 35.11 1.76 23.68
CA ASN A 59 35.41 1.29 22.34
C ASN A 59 34.13 0.94 21.60
N VAL A 60 33.95 1.52 20.42
CA VAL A 60 32.77 1.26 19.62
C VAL A 60 33.01 0.08 18.69
N ALA A 61 31.95 -0.48 18.12
CA ALA A 61 32.10 -1.64 17.27
C ALA A 61 32.06 -1.41 15.77
N ASN A 62 32.60 -2.39 15.05
CA ASN A 62 32.62 -2.39 13.61
C ASN A 62 31.51 -3.40 13.34
N PHE A 63 30.66 -3.14 12.36
CA PHE A 63 29.59 -4.09 12.03
C PHE A 63 29.11 -3.94 10.59
N VAL A 64 28.82 -5.08 9.96
CA VAL A 64 28.35 -5.06 8.58
C VAL A 64 27.07 -5.86 8.49
N THR A 65 26.16 -5.43 7.61
CA THR A 65 24.90 -6.11 7.42
C THR A 65 24.56 -6.09 5.92
N SER A 66 24.07 -7.21 5.40
CA SER A 66 23.72 -7.32 3.99
C SER A 66 22.37 -8.01 3.89
N PHE A 67 21.46 -7.47 3.08
CA PHE A 67 20.15 -8.08 2.90
C PHE A 67 19.42 -7.65 1.62
N THR A 68 18.69 -8.60 1.02
CA THR A 68 17.90 -8.34 -0.19
C THR A 68 16.42 -8.28 0.18
N PHE A 69 15.88 -7.07 0.38
CA PHE A 69 14.48 -6.94 0.75
C PHE A 69 13.68 -6.54 -0.50
N VAL A 70 12.35 -6.48 -0.36
CA VAL A 70 11.46 -6.12 -1.47
C VAL A 70 10.20 -5.42 -0.97
N ILE A 71 9.83 -4.36 -1.70
CA ILE A 71 8.61 -3.60 -1.41
C ILE A 71 7.79 -3.67 -2.69
N ASP A 72 6.83 -4.58 -2.76
CA ASP A 72 6.02 -4.65 -3.95
C ASP A 72 4.65 -4.16 -3.55
N ALA A 73 4.23 -3.09 -4.20
CA ALA A 73 2.95 -2.50 -3.90
C ALA A 73 1.97 -2.78 -5.02
N PRO A 74 0.68 -2.89 -4.68
CA PRO A 74 -0.37 -3.16 -5.66
C PRO A 74 -0.42 -2.05 -6.70
N ASN A 75 -0.23 -0.81 -6.27
CA ASN A 75 -0.26 0.34 -7.18
C ASN A 75 1.01 1.18 -7.12
N SER A 76 1.66 1.36 -8.26
CA SER A 76 2.89 2.13 -8.34
C SER A 76 2.71 3.66 -8.20
N TYR A 77 1.56 4.09 -7.65
CA TYR A 77 1.28 5.51 -7.48
C TYR A 77 0.71 5.76 -6.09
N ASN A 78 0.71 4.75 -5.25
CA ASN A 78 0.15 4.91 -3.91
C ASN A 78 0.81 4.02 -2.88
N VAL A 79 2.13 4.09 -2.83
CA VAL A 79 2.91 3.31 -1.88
C VAL A 79 2.85 3.87 -0.46
N ALA A 80 3.27 3.06 0.50
CA ALA A 80 3.30 3.44 1.90
C ALA A 80 3.56 2.22 2.77
N ASP A 81 4.26 2.40 3.89
CA ASP A 81 4.76 3.71 4.30
C ASP A 81 6.28 3.74 4.25
N GLY A 82 6.89 2.70 4.80
CA GLY A 82 8.34 2.61 4.81
C GLY A 82 8.92 1.36 5.43
N PHE A 83 10.21 1.15 5.14
CA PHE A 83 10.99 0.01 5.60
C PHE A 83 12.25 0.61 6.25
N THR A 84 12.61 0.14 7.44
CA THR A 84 13.77 0.67 8.14
C THR A 84 14.56 -0.35 8.96
N PHE A 85 15.90 -0.21 8.96
CA PHE A 85 16.79 -1.08 9.74
C PHE A 85 17.14 -0.24 10.95
N PHE A 86 16.74 -0.70 12.13
CA PHE A 86 16.98 0.05 13.35
C PHE A 86 17.84 -0.70 14.35
N ILE A 87 18.48 0.06 15.25
CA ILE A 87 19.32 -0.45 16.33
C ILE A 87 18.72 0.24 17.54
N ALA A 88 18.34 -0.52 18.55
CA ALA A 88 17.70 0.08 19.71
C ALA A 88 17.83 -0.73 21.03
N PRO A 89 17.50 -0.12 22.18
CA PRO A 89 17.60 -0.84 23.45
C PRO A 89 16.93 -2.19 23.45
N VAL A 90 17.66 -3.21 23.89
CA VAL A 90 17.19 -4.59 23.98
C VAL A 90 15.66 -4.74 24.15
N ASP A 91 15.13 -4.20 25.25
CA ASP A 91 13.68 -4.24 25.54
C ASP A 91 12.94 -3.27 24.59
N THR A 92 13.02 -3.49 23.29
CA THR A 92 12.38 -2.58 22.35
C THR A 92 11.08 -3.15 21.77
N LYS A 93 10.11 -2.28 21.49
CA LYS A 93 8.81 -2.70 20.94
C LYS A 93 8.24 -1.68 19.96
N PRO A 94 7.35 -2.13 19.04
CA PRO A 94 6.71 -1.28 18.03
C PRO A 94 6.29 0.09 18.51
N GLN A 95 6.93 1.13 17.98
CA GLN A 95 6.62 2.51 18.34
C GLN A 95 5.58 2.95 17.33
N THR A 96 5.16 4.20 17.38
CA THR A 96 4.15 4.75 16.48
C THR A 96 4.19 4.26 15.02
N GLY A 97 3.04 3.75 14.57
CA GLY A 97 2.89 3.22 13.21
C GLY A 97 2.92 4.31 12.16
N GLY A 98 1.95 4.29 11.26
CA GLY A 98 1.90 5.29 10.21
C GLY A 98 3.24 5.52 9.55
N GLY A 99 3.57 6.80 9.37
CA GLY A 99 4.83 7.17 8.77
C GLY A 99 6.05 7.27 9.66
N TYR A 100 6.08 6.53 10.77
CA TYR A 100 7.20 6.52 11.72
C TYR A 100 7.97 5.22 11.60
N LEU A 101 7.52 4.38 10.68
CA LEU A 101 8.11 3.08 10.43
C LEU A 101 8.15 2.21 11.70
N GLY A 102 7.28 2.56 12.65
CA GLY A 102 7.15 1.83 13.88
C GLY A 102 8.36 1.80 14.79
N VAL A 103 9.26 2.78 14.66
CA VAL A 103 10.44 2.83 15.52
C VAL A 103 10.56 4.13 16.33
N PHE A 104 10.03 5.22 15.81
CA PHE A 104 10.08 6.51 16.51
C PHE A 104 8.68 6.95 16.95
N ASN A 105 8.57 8.18 17.45
CA ASN A 105 7.26 8.69 17.88
C ASN A 105 7.11 10.19 17.70
N SER A 106 8.22 10.89 17.47
CA SER A 106 8.15 12.34 17.32
C SER A 106 9.04 12.80 16.20
N LYS A 107 8.62 13.85 15.51
CA LYS A 107 9.45 14.41 14.46
C LYS A 107 10.65 14.99 15.17
N ASP A 108 10.40 15.62 16.32
CA ASP A 108 11.44 16.24 17.12
C ASP A 108 12.36 15.22 17.78
N TYR A 109 13.61 15.61 17.95
CA TYR A 109 14.63 14.78 18.57
C TYR A 109 14.19 14.44 19.98
N ASP A 110 14.17 13.16 20.31
CA ASP A 110 13.80 12.73 21.65
C ASP A 110 14.92 11.80 22.09
N LYS A 111 15.94 12.38 22.71
CA LYS A 111 17.10 11.62 23.20
C LYS A 111 16.81 10.26 23.80
N THR A 112 15.72 10.19 24.57
CA THR A 112 15.30 8.97 25.24
C THR A 112 15.23 7.71 24.36
N SER A 113 14.74 7.84 23.13
CA SER A 113 14.60 6.73 22.21
C SER A 113 15.82 5.81 22.09
N GLN A 114 16.99 6.42 21.92
CA GLN A 114 18.24 5.66 21.80
C GLN A 114 18.17 4.75 20.60
N THR A 115 17.72 5.30 19.47
CA THR A 115 17.59 4.53 18.23
C THR A 115 18.14 5.17 16.97
N VAL A 116 19.23 4.60 16.45
CA VAL A 116 19.82 5.06 15.20
C VAL A 116 19.40 4.01 14.20
N ALA A 117 18.84 4.47 13.09
CA ALA A 117 18.34 3.57 12.06
C ALA A 117 18.53 4.15 10.66
N VAL A 118 18.52 3.26 9.66
CA VAL A 118 18.62 3.64 8.26
C VAL A 118 17.24 3.36 7.71
N GLU A 119 16.64 4.39 7.14
CA GLU A 119 15.29 4.28 6.64
C GLU A 119 15.16 4.51 5.15
N PHE A 120 14.36 3.64 4.52
CA PHE A 120 14.03 3.65 3.09
C PHE A 120 12.53 3.99 3.12
N ASP A 121 12.21 5.26 2.94
CA ASP A 121 10.84 5.73 3.02
C ASP A 121 10.23 5.85 1.65
N THR A 122 8.96 5.45 1.55
CA THR A 122 8.19 5.48 0.31
C THR A 122 6.90 6.28 0.38
N PHE A 123 6.89 7.35 1.18
CA PHE A 123 5.70 8.19 1.31
C PHE A 123 6.09 9.51 1.95
N TYR A 124 6.08 10.55 1.14
CA TYR A 124 6.43 11.90 1.56
C TYR A 124 5.54 12.37 2.71
N ASN A 125 6.15 13.10 3.63
CA ASN A 125 5.45 13.65 4.78
C ASN A 125 5.86 15.09 4.95
N THR A 126 4.98 15.99 4.55
CA THR A 126 5.22 17.43 4.62
C THR A 126 5.93 17.84 5.88
N ALA A 127 5.38 17.44 7.02
CA ALA A 127 5.93 17.81 8.32
C ALA A 127 7.42 17.50 8.58
N TRP A 128 8.02 16.55 7.85
CA TRP A 128 9.40 16.19 8.09
C TRP A 128 10.18 15.51 6.96
N ASP A 129 9.72 15.65 5.73
CA ASP A 129 10.43 15.03 4.62
C ASP A 129 10.91 16.14 3.71
N PRO A 130 12.01 15.90 2.98
CA PRO A 130 12.55 16.91 2.07
C PRO A 130 11.44 17.36 1.14
N SER A 131 11.01 18.61 1.31
CA SER A 131 9.92 19.15 0.51
C SER A 131 10.24 19.20 -0.97
N ASN A 132 9.89 18.10 -1.62
CA ASN A 132 10.04 17.86 -3.05
C ASN A 132 9.45 16.47 -3.26
N GLY A 133 8.79 15.96 -2.23
CA GLY A 133 8.16 14.65 -2.28
C GLY A 133 9.10 13.46 -2.26
N ASP A 134 9.87 13.34 -3.34
CA ASP A 134 10.84 12.26 -3.57
C ASP A 134 11.11 11.21 -2.52
N ARG A 135 10.77 9.97 -2.87
CA ARG A 135 10.99 8.82 -2.01
C ARG A 135 12.49 8.86 -1.80
N HIS A 136 12.96 8.25 -0.71
CA HIS A 136 14.38 8.33 -0.44
C HIS A 136 14.84 7.39 0.66
N ILE A 137 16.15 7.39 0.82
CA ILE A 137 16.83 6.62 1.84
C ILE A 137 17.23 7.70 2.86
N GLY A 138 17.48 7.33 4.10
CA GLY A 138 17.85 8.33 5.08
C GLY A 138 18.45 7.64 6.28
N ILE A 139 19.11 8.41 7.15
CA ILE A 139 19.74 7.87 8.35
C ILE A 139 19.04 8.51 9.55
N ASP A 140 18.20 7.74 10.21
CA ASP A 140 17.48 8.25 11.36
C ASP A 140 18.27 8.11 12.64
N VAL A 141 17.96 8.96 13.63
CA VAL A 141 18.63 8.97 14.92
C VAL A 141 17.79 9.81 15.88
N ASN A 142 17.04 9.09 16.72
CA ASN A 142 16.16 9.69 17.72
C ASN A 142 15.12 10.72 17.27
N SER A 143 14.83 10.78 15.97
CA SER A 143 13.81 11.74 15.48
C SER A 143 12.80 11.10 14.52
N ILE A 144 13.05 11.26 13.22
CA ILE A 144 12.25 10.72 12.11
C ILE A 144 12.69 11.55 10.92
N LYS A 145 12.98 12.81 11.21
CA LYS A 145 13.49 13.74 10.22
C LYS A 145 14.93 13.33 10.33
N SER A 146 15.46 12.66 9.31
CA SER A 146 16.85 12.21 9.35
C SER A 146 17.87 13.35 9.49
N ILE A 147 19.14 13.00 9.42
CA ILE A 147 20.21 13.98 9.46
C ILE A 147 20.78 14.03 8.04
N ASN A 148 20.39 13.04 7.24
CA ASN A 148 20.80 12.91 5.86
C ASN A 148 19.79 11.98 5.17
N THR A 149 19.33 12.40 3.99
CA THR A 149 18.37 11.65 3.19
C THR A 149 18.74 11.87 1.73
N LYS A 150 18.77 10.79 0.96
CA LYS A 150 19.10 10.87 -0.46
C LYS A 150 17.96 10.22 -1.25
N SER A 151 17.35 10.97 -2.17
CA SER A 151 16.21 10.49 -2.96
C SER A 151 16.54 9.26 -3.82
N TRP A 152 15.53 8.41 -4.03
CA TRP A 152 15.73 7.18 -4.80
C TRP A 152 14.51 6.53 -5.47
N ALA A 153 14.78 5.84 -6.58
CA ALA A 153 13.77 5.16 -7.39
C ALA A 153 13.30 3.83 -6.81
N LEU A 154 11.98 3.70 -6.69
CA LEU A 154 11.31 2.55 -6.14
C LEU A 154 11.50 1.17 -6.80
N GLN A 155 11.35 1.06 -8.13
CA GLN A 155 11.47 -0.23 -8.82
C GLN A 155 10.48 -1.24 -8.21
N ASN A 156 9.31 -0.74 -7.84
CA ASN A 156 8.25 -1.51 -7.18
C ASN A 156 8.22 -2.96 -7.57
N GLY A 157 8.53 -3.81 -6.60
CA GLY A 157 8.48 -5.24 -6.86
C GLY A 157 9.78 -5.96 -7.10
N LYS A 158 10.83 -5.24 -7.52
CA LYS A 158 12.12 -5.88 -7.75
C LYS A 158 12.91 -6.15 -6.47
N GLU A 159 13.67 -7.23 -6.47
CA GLU A 159 14.50 -7.56 -5.32
C GLU A 159 15.52 -6.43 -5.23
N ALA A 160 16.05 -6.20 -4.04
CA ALA A 160 17.05 -5.14 -3.82
C ALA A 160 18.14 -5.61 -2.88
N ASN A 161 19.37 -5.67 -3.35
CA ASN A 161 20.46 -6.10 -2.50
C ASN A 161 21.19 -4.94 -1.82
N VAL A 162 20.90 -4.77 -0.53
CA VAL A 162 21.52 -3.70 0.25
C VAL A 162 22.56 -4.22 1.24
N VAL A 163 23.37 -3.30 1.75
CA VAL A 163 24.42 -3.67 2.70
C VAL A 163 24.86 -2.40 3.42
N ILE A 164 24.99 -2.48 4.76
CA ILE A 164 25.44 -1.33 5.57
C ILE A 164 26.43 -1.75 6.66
N ALA A 165 27.55 -1.04 6.69
CA ALA A 165 28.60 -1.29 7.67
C ALA A 165 29.11 -0.01 8.31
N PHE A 166 29.06 0.02 9.64
CA PHE A 166 29.49 1.18 10.38
C PHE A 166 30.98 1.06 10.61
N ASN A 167 31.62 2.17 10.95
CA ASN A 167 33.05 2.17 11.24
C ASN A 167 33.28 2.57 12.70
N GLY A 168 33.82 1.65 13.49
CA GLY A 168 34.07 1.92 14.89
C GLY A 168 35.13 2.98 15.06
N ALA A 169 36.23 2.82 14.32
CA ALA A 169 37.33 3.78 14.38
C ALA A 169 36.90 5.16 13.90
N THR A 170 36.09 5.19 12.84
CA THR A 170 35.66 6.45 12.24
C THR A 170 34.21 6.88 12.51
N ASN A 171 33.49 6.12 13.32
CA ASN A 171 32.09 6.41 13.67
C ASN A 171 31.28 6.84 12.45
N VAL A 172 31.43 6.10 11.35
CA VAL A 172 30.71 6.42 10.10
C VAL A 172 29.97 5.26 9.45
N LEU A 173 28.65 5.42 9.33
CA LEU A 173 27.87 4.38 8.68
C LEU A 173 27.60 4.77 7.24
N THR A 174 27.56 3.74 6.39
CA THR A 174 27.33 3.85 4.96
C THR A 174 26.25 2.85 4.57
N VAL A 175 25.25 3.34 3.85
CA VAL A 175 24.16 2.50 3.37
C VAL A 175 24.13 2.58 1.85
N SER A 176 23.99 1.43 1.20
CA SER A 176 23.93 1.34 -0.26
C SER A 176 22.83 0.38 -0.61
N LEU A 177 21.88 0.85 -1.43
CA LEU A 177 20.77 0.01 -1.89
C LEU A 177 20.95 -0.21 -3.37
N THR A 178 21.22 -1.45 -3.77
CA THR A 178 21.40 -1.70 -5.20
C THR A 178 20.41 -2.66 -5.84
N TYR A 179 19.73 -2.12 -6.84
CA TYR A 179 18.75 -2.82 -7.63
C TYR A 179 19.54 -3.48 -8.74
N PRO A 180 19.66 -4.82 -8.70
CA PRO A 180 20.38 -5.73 -9.61
C PRO A 180 20.51 -5.33 -11.08
N ASN A 181 21.36 -4.32 -11.28
CA ASN A 181 21.71 -3.72 -12.58
C ASN A 181 22.32 -2.34 -12.28
N THR B 2 21.34 -0.21 -10.67
CA THR B 2 21.80 1.13 -10.21
C THR B 2 22.00 1.04 -8.70
N SER B 3 22.83 1.93 -8.16
CA SER B 3 23.09 1.93 -6.72
C SER B 3 22.81 3.33 -6.16
N TYR B 4 22.41 3.38 -4.90
CA TYR B 4 22.14 4.64 -4.20
C TYR B 4 22.90 4.44 -2.89
N THR B 5 23.69 5.43 -2.48
CA THR B 5 24.47 5.29 -1.26
C THR B 5 24.48 6.52 -0.35
N LEU B 6 24.84 6.30 0.92
CA LEU B 6 24.95 7.38 1.89
C LEU B 6 26.12 7.13 2.84
N ASN B 7 26.75 8.22 3.27
CA ASN B 7 27.86 8.15 4.20
C ASN B 7 27.60 9.33 5.12
N GLU B 8 27.70 9.09 6.42
CA GLU B 8 27.47 10.13 7.40
C GLU B 8 28.18 9.72 8.67
N VAL B 9 28.84 10.69 9.30
CA VAL B 9 29.57 10.43 10.54
C VAL B 9 28.57 10.34 11.69
N VAL B 10 28.34 9.13 12.20
CA VAL B 10 27.40 8.96 13.30
C VAL B 10 28.08 8.42 14.55
N PRO B 11 28.23 9.26 15.59
CA PRO B 11 28.86 8.83 16.84
C PRO B 11 27.92 7.87 17.57
N LEU B 12 27.92 6.62 17.15
CA LEU B 12 27.05 5.58 17.72
C LEU B 12 27.08 5.53 19.23
N LYS B 13 28.26 5.34 19.80
CA LYS B 13 28.44 5.25 21.26
C LYS B 13 27.57 6.26 22.02
N GLU B 14 27.54 7.48 21.51
CA GLU B 14 26.81 8.58 22.12
C GLU B 14 25.28 8.40 22.06
N PHE B 15 24.80 7.70 21.03
CA PHE B 15 23.36 7.55 20.85
C PHE B 15 22.64 6.29 21.29
N VAL B 16 23.19 5.11 21.00
CA VAL B 16 22.52 3.84 21.36
C VAL B 16 23.32 3.00 22.37
N PRO B 17 22.64 2.42 23.39
CA PRO B 17 23.19 1.57 24.46
C PRO B 17 24.31 0.62 24.06
N GLU B 18 24.92 0.04 25.09
CA GLU B 18 26.02 -0.92 24.91
C GLU B 18 25.46 -2.20 24.31
N TRP B 19 24.35 -2.68 24.88
CA TRP B 19 23.67 -3.86 24.39
C TRP B 19 22.46 -3.43 23.59
N VAL B 20 22.42 -3.87 22.34
CA VAL B 20 21.34 -3.53 21.43
C VAL B 20 20.90 -4.74 20.61
N ARG B 21 19.59 -4.84 20.36
CA ARG B 21 19.00 -5.88 19.51
C ARG B 21 18.86 -5.10 18.19
N ILE B 22 19.03 -5.77 17.06
CA ILE B 22 18.94 -5.09 15.77
C ILE B 22 17.75 -5.65 15.04
N GLY B 23 17.00 -4.79 14.34
CA GLY B 23 15.85 -5.32 13.63
C GLY B 23 15.32 -4.63 12.39
N PHE B 24 14.37 -5.33 11.78
CA PHE B 24 13.69 -4.85 10.61
C PHE B 24 12.28 -4.48 11.01
N SER B 25 11.81 -3.35 10.50
CA SER B 25 10.47 -2.89 10.77
C SER B 25 9.98 -1.98 9.68
N ALA B 26 8.76 -2.25 9.23
CA ALA B 26 8.06 -1.48 8.21
C ALA B 26 6.65 -1.17 8.72
N THR B 27 5.94 -0.33 7.99
CA THR B 27 4.56 -0.01 8.37
C THR B 27 3.68 0.34 7.18
N THR B 28 2.41 0.64 7.45
CA THR B 28 1.43 0.98 6.44
C THR B 28 0.37 1.89 7.04
N GLY B 29 0.10 2.99 6.37
CA GLY B 29 -0.88 3.95 6.87
C GLY B 29 -2.15 3.94 6.04
N ALA B 30 -2.63 5.12 5.66
CA ALA B 30 -3.83 5.23 4.84
C ALA B 30 -3.43 5.06 3.38
N GLU B 31 -2.50 4.13 3.18
CA GLU B 31 -1.93 3.75 1.90
C GLU B 31 -1.03 2.59 2.28
N PHE B 32 -0.57 1.80 1.32
CA PHE B 32 0.27 0.66 1.66
C PHE B 32 1.11 0.06 0.56
N ALA B 33 1.74 -1.05 0.89
CA ALA B 33 2.58 -1.80 -0.02
C ALA B 33 3.10 -2.98 0.78
N ALA B 34 3.60 -3.98 0.09
CA ALA B 34 4.13 -5.15 0.77
C ALA B 34 5.60 -4.91 1.08
N HIS B 35 6.02 -5.40 2.24
CA HIS B 35 7.41 -5.26 2.67
C HIS B 35 7.84 -6.69 3.00
N GLU B 36 8.91 -7.16 2.36
CA GLU B 36 9.39 -8.52 2.59
C GLU B 36 10.91 -8.58 2.57
N VAL B 37 11.48 -9.46 3.39
CA VAL B 37 12.94 -9.63 3.51
C VAL B 37 13.27 -11.03 2.99
N LEU B 38 14.27 -11.11 2.13
CA LEU B 38 14.70 -12.36 1.50
C LEU B 38 15.93 -13.02 2.10
N SER B 39 16.80 -12.24 2.75
CA SER B 39 18.03 -12.79 3.36
C SER B 39 18.55 -11.87 4.48
N TRP B 40 19.68 -12.22 5.09
CA TRP B 40 20.23 -11.37 6.15
C TRP B 40 21.61 -11.84 6.61
N TYR B 41 22.51 -10.87 6.73
CA TYR B 41 23.88 -11.08 7.17
C TYR B 41 24.18 -10.04 8.23
N PHE B 42 25.10 -10.36 9.13
CA PHE B 42 25.45 -9.40 10.17
C PHE B 42 26.59 -9.94 11.01
N ASN B 43 27.74 -9.29 10.90
CA ASN B 43 28.92 -9.69 11.65
C ASN B 43 29.42 -8.47 12.36
N SER B 44 29.49 -8.56 13.69
CA SER B 44 29.94 -7.45 14.52
C SER B 44 31.06 -7.83 15.48
N GLU B 45 32.20 -7.16 15.34
CA GLU B 45 33.37 -7.40 16.19
C GLU B 45 33.66 -6.20 17.05
N LEU B 46 33.86 -6.45 18.34
CA LEU B 46 34.19 -5.39 19.29
C LEU B 46 35.58 -5.74 19.78
N ALA B 47 36.45 -4.74 19.77
CA ALA B 47 37.84 -4.92 20.18
C ALA B 47 38.14 -5.01 21.68
N VAL B 48 39.40 -5.27 21.99
N HIS C 1 -31.55 7.49 -30.77
CA HIS C 1 -30.33 8.03 -30.11
C HIS C 1 -30.54 7.91 -28.62
N TYR C 2 -29.45 7.83 -27.86
CA TYR C 2 -29.55 7.74 -26.42
C TYR C 2 -28.21 8.19 -25.84
N TYR C 3 -28.28 8.92 -24.75
CA TYR C 3 -27.09 9.45 -24.10
C TYR C 3 -26.62 8.50 -23.01
N ALA C 4 -25.63 8.94 -22.25
CA ALA C 4 -25.08 8.16 -21.15
C ALA C 4 -25.48 8.81 -19.83
N VAL C 5 -25.91 7.99 -18.85
CA VAL C 5 -26.28 8.48 -17.51
C VAL C 5 -25.89 7.53 -16.37
N ALA C 6 -25.65 8.16 -15.21
CA ALA C 6 -25.27 7.46 -13.99
C ALA C 6 -26.49 7.29 -13.07
N VAL C 7 -27.05 6.09 -13.07
CA VAL C 7 -28.25 5.81 -12.30
C VAL C 7 -28.01 5.32 -10.87
N VAL C 8 -28.61 6.03 -9.91
CA VAL C 8 -28.49 5.68 -8.48
C VAL C 8 -29.85 5.46 -7.84
N LYS C 9 -29.84 4.84 -6.66
CA LYS C 9 -31.06 4.57 -5.91
C LYS C 9 -31.55 5.86 -5.21
N LYS C 10 -32.00 5.70 -3.97
CA LYS C 10 -32.50 6.78 -3.11
C LYS C 10 -32.46 6.20 -1.69
N GLY C 11 -31.96 7.02 -0.74
CA GLY C 11 -31.82 6.60 0.65
C GLY C 11 -30.42 7.05 1.00
N GLY C 12 -30.32 8.33 1.34
CA GLY C 12 -29.02 8.93 1.63
C GLY C 12 -28.59 9.55 0.31
N SER C 13 -27.44 10.20 0.27
CA SER C 13 -26.98 10.81 -0.98
C SER C 13 -25.47 10.99 -1.03
N PHE C 14 -25.01 11.37 -2.21
CA PHE C 14 -23.61 11.66 -2.52
C PHE C 14 -23.61 12.13 -3.95
N GLN C 15 -22.44 12.28 -4.54
CA GLN C 15 -22.37 12.73 -5.92
C GLN C 15 -21.29 11.93 -6.64
N LEU C 16 -21.22 12.06 -7.96
CA LEU C 16 -20.25 11.35 -8.79
C LEU C 16 -18.82 11.44 -8.22
N ASN C 17 -18.48 12.59 -7.65
CA ASN C 17 -17.15 12.80 -7.07
C ASN C 17 -16.84 11.81 -5.95
N GLU C 18 -17.80 11.61 -5.06
CA GLU C 18 -17.64 10.73 -3.91
C GLU C 18 -17.61 9.24 -4.19
N LEU C 19 -17.79 8.90 -5.47
CA LEU C 19 -17.80 7.51 -5.93
C LEU C 19 -16.86 6.51 -5.25
N GLN C 20 -15.58 6.86 -5.12
CA GLN C 20 -14.57 5.98 -4.51
C GLN C 20 -15.06 5.27 -3.27
N GLY C 21 -14.98 3.94 -3.30
CA GLY C 21 -15.42 3.16 -2.18
C GLY C 21 -16.71 2.41 -2.46
N LEU C 22 -17.66 3.06 -3.13
CA LEU C 22 -18.95 2.44 -3.44
C LEU C 22 -18.91 1.16 -4.28
N LYS C 23 -20.05 0.50 -4.35
CA LYS C 23 -20.22 -0.74 -5.10
C LYS C 23 -20.99 -0.37 -6.38
N SER C 24 -20.42 -0.71 -7.54
CA SER C 24 -21.06 -0.37 -8.81
C SER C 24 -21.70 -1.53 -9.53
N CYS C 25 -22.67 -1.19 -10.39
CA CYS C 25 -23.35 -2.16 -11.21
C CYS C 25 -22.93 -1.84 -12.64
N HIS C 26 -22.45 -2.86 -13.34
CA HIS C 26 -22.06 -2.66 -14.72
C HIS C 26 -22.83 -3.59 -15.65
N THR C 27 -22.74 -3.31 -16.94
CA THR C 27 -23.42 -4.12 -17.94
C THR C 27 -22.46 -5.18 -18.42
N GLY C 28 -21.23 -4.77 -18.70
CA GLY C 28 -20.22 -5.71 -19.16
C GLY C 28 -19.01 -5.00 -19.74
N LEU C 29 -17.89 -5.71 -19.86
CA LEU C 29 -16.68 -5.11 -20.42
C LEU C 29 -16.98 -4.27 -21.64
N ARG C 30 -16.28 -3.15 -21.78
CA ARG C 30 -16.46 -2.27 -22.93
C ARG C 30 -17.89 -1.95 -23.35
N ARG C 31 -18.90 -2.35 -22.55
CA ARG C 31 -20.25 -1.97 -22.99
C ARG C 31 -20.31 -0.43 -22.68
N THR C 32 -20.21 0.36 -23.57
CA THR C 32 -20.24 1.84 -23.45
C THR C 32 -20.95 2.35 -22.16
N ALA C 33 -22.28 2.47 -22.17
CA ALA C 33 -23.04 3.08 -21.05
C ALA C 33 -22.88 2.33 -19.70
N GLY C 34 -22.09 1.28 -19.68
CA GLY C 34 -21.88 0.53 -18.44
C GLY C 34 -20.41 0.35 -18.13
N TRP C 35 -19.56 1.02 -18.91
CA TRP C 35 -18.10 0.95 -18.74
C TRP C 35 -17.37 2.06 -19.50
N ASN C 36 -17.17 1.88 -20.82
CA ASN C 36 -16.49 2.88 -21.64
C ASN C 36 -16.71 4.33 -21.19
N VAL C 37 -17.97 4.72 -21.03
CA VAL C 37 -18.29 6.08 -20.63
C VAL C 37 -17.94 6.26 -19.14
N PRO C 38 -18.44 5.38 -18.26
CA PRO C 38 -18.13 5.48 -16.84
C PRO C 38 -16.63 5.65 -16.59
N ILE C 39 -15.85 4.70 -17.07
CA ILE C 39 -14.39 4.74 -16.91
C ILE C 39 -13.79 6.04 -17.41
N GLY C 40 -14.46 6.69 -18.36
CA GLY C 40 -13.97 7.95 -18.88
C GLY C 40 -14.02 8.96 -17.75
N THR C 41 -15.22 9.25 -17.24
CA THR C 41 -15.40 10.18 -16.14
C THR C 41 -15.31 9.45 -14.81
N LEU C 42 -14.10 9.04 -14.49
CA LEU C 42 -13.75 8.31 -13.27
C LEU C 42 -12.24 8.22 -13.38
N ARG C 43 -11.76 8.07 -14.60
CA ARG C 43 -10.33 7.97 -14.90
C ARG C 43 -9.48 8.87 -13.98
N PRO C 44 -9.86 10.16 -13.84
CA PRO C 44 -9.10 11.10 -12.99
C PRO C 44 -8.90 10.67 -11.53
N PHE C 45 -9.84 9.88 -11.02
CA PHE C 45 -9.79 9.38 -9.63
C PHE C 45 -9.23 7.97 -9.59
N LEU C 46 -8.83 7.43 -10.74
CA LEU C 46 -8.32 6.07 -10.78
C LEU C 46 -6.87 5.92 -10.39
N ASN C 47 -6.09 6.98 -10.62
CA ASN C 47 -4.65 6.95 -10.32
C ASN C 47 -4.06 5.85 -11.18
N TRP C 48 -4.69 5.58 -12.31
CA TRP C 48 -4.23 4.52 -13.18
C TRP C 48 -2.91 4.86 -13.86
N THR C 49 -1.84 4.19 -13.41
CA THR C 49 -0.52 4.41 -13.97
C THR C 49 -0.33 3.91 -15.41
N GLY C 50 -1.41 3.86 -16.18
CA GLY C 50 -1.32 3.41 -17.55
C GLY C 50 -0.90 1.96 -17.71
N PRO C 51 -0.43 1.59 -18.91
CA PRO C 51 0.02 0.23 -19.22
C PRO C 51 1.35 -0.08 -18.54
N PRO C 52 1.64 -1.37 -18.31
CA PRO C 52 0.82 -2.53 -18.63
C PRO C 52 -0.22 -2.86 -17.55
N GLU C 53 -0.41 -1.95 -16.59
CA GLU C 53 -1.42 -2.25 -15.58
C GLU C 53 -2.78 -2.10 -16.27
N PRO C 54 -3.60 -3.16 -16.22
CA PRO C 54 -4.91 -3.12 -16.86
C PRO C 54 -5.76 -2.00 -16.28
N ILE C 55 -6.26 -1.12 -17.15
CA ILE C 55 -7.12 -0.03 -16.70
C ILE C 55 -8.29 -0.63 -15.91
N GLU C 56 -8.51 -1.92 -16.09
CA GLU C 56 -9.57 -2.62 -15.35
C GLU C 56 -9.08 -2.76 -13.92
N ALA C 57 -7.80 -3.11 -13.77
CA ALA C 57 -7.17 -3.28 -12.46
C ALA C 57 -7.35 -2.04 -11.59
N ALA C 58 -7.12 -0.88 -12.17
CA ALA C 58 -7.26 0.37 -11.43
C ALA C 58 -8.68 0.46 -10.86
N VAL C 59 -9.67 0.36 -11.74
CA VAL C 59 -11.05 0.42 -11.29
C VAL C 59 -11.42 -0.80 -10.44
N ALA C 60 -10.54 -1.80 -10.44
CA ALA C 60 -10.76 -3.02 -9.67
C ALA C 60 -10.61 -2.80 -8.17
N ARG C 61 -9.85 -1.78 -7.79
CA ARG C 61 -9.63 -1.49 -6.38
C ARG C 61 -10.55 -0.34 -5.96
N PHE C 62 -10.58 0.70 -6.80
CA PHE C 62 -11.37 1.91 -6.57
C PHE C 62 -12.80 1.60 -6.17
N PHE C 63 -13.39 0.59 -6.79
CA PHE C 63 -14.75 0.16 -6.46
C PHE C 63 -14.59 -0.96 -5.44
N SER C 64 -15.27 -0.82 -4.30
CA SER C 64 -15.17 -1.84 -3.26
C SER C 64 -15.47 -3.25 -3.78
N ALA C 65 -16.54 -3.38 -4.57
CA ALA C 65 -16.94 -4.66 -5.14
C ALA C 65 -18.03 -4.41 -6.18
N SER C 66 -18.00 -5.20 -7.25
CA SER C 66 -18.98 -5.05 -8.33
C SER C 66 -19.27 -6.27 -9.21
N CYS C 67 -20.05 -5.98 -10.25
CA CYS C 67 -20.45 -6.97 -11.24
C CYS C 67 -20.20 -6.38 -12.61
N VAL C 68 -19.19 -6.93 -13.27
CA VAL C 68 -18.77 -6.52 -14.59
C VAL C 68 -18.67 -7.82 -15.36
N PRO C 69 -19.73 -8.14 -16.12
CA PRO C 69 -19.73 -9.38 -16.90
C PRO C 69 -18.51 -9.43 -17.82
N GLY C 70 -17.92 -10.62 -17.90
CA GLY C 70 -16.76 -10.82 -18.75
C GLY C 70 -15.46 -10.42 -18.11
N ALA C 71 -15.47 -10.34 -16.77
CA ALA C 71 -14.28 -9.93 -16.03
C ALA C 71 -13.53 -11.11 -15.42
N ASP C 72 -12.21 -11.17 -15.62
CA ASP C 72 -11.39 -12.26 -15.10
C ASP C 72 -11.45 -12.41 -13.56
N LYS C 73 -12.48 -13.11 -13.09
CA LYS C 73 -12.70 -13.36 -11.66
C LYS C 73 -11.55 -14.13 -11.01
N GLY C 74 -10.50 -14.40 -11.80
CA GLY C 74 -9.35 -15.09 -11.28
C GLY C 74 -8.23 -14.13 -10.90
N GLN C 75 -8.12 -13.04 -11.65
CA GLN C 75 -7.08 -12.03 -11.42
C GLN C 75 -7.66 -10.80 -10.73
N PHE C 76 -8.91 -10.48 -11.06
CA PHE C 76 -9.61 -9.33 -10.49
C PHE C 76 -10.82 -9.80 -9.70
N PRO C 77 -10.66 -10.70 -8.71
CA PRO C 77 -11.79 -11.18 -7.94
C PRO C 77 -12.47 -10.06 -7.14
N ASN C 78 -13.14 -9.16 -7.84
CA ASN C 78 -13.79 -8.04 -7.20
C ASN C 78 -14.65 -7.29 -8.21
N LEU C 79 -14.34 -7.47 -9.49
CA LEU C 79 -15.14 -6.85 -10.57
C LEU C 79 -16.36 -7.74 -10.78
N CYS C 80 -16.38 -8.87 -10.06
CA CYS C 80 -17.41 -9.88 -10.14
C CYS C 80 -18.12 -10.19 -8.83
N ARG C 81 -17.54 -9.77 -7.72
CA ARG C 81 -18.08 -10.07 -6.38
C ARG C 81 -19.58 -9.79 -6.15
N LEU C 82 -20.12 -8.73 -6.76
CA LEU C 82 -21.53 -8.45 -6.60
C LEU C 82 -22.44 -9.27 -7.54
N CYS C 83 -21.86 -9.79 -8.63
CA CYS C 83 -22.58 -10.56 -9.63
C CYS C 83 -23.55 -11.59 -9.08
N ALA C 84 -24.84 -11.38 -9.38
CA ALA C 84 -25.91 -12.26 -8.92
C ALA C 84 -25.88 -13.66 -9.55
N GLY C 85 -24.88 -13.90 -10.39
CA GLY C 85 -24.75 -15.15 -11.10
C GLY C 85 -24.45 -16.40 -10.32
N THR C 86 -25.47 -16.98 -9.70
CA THR C 86 -25.29 -18.21 -8.93
C THR C 86 -24.87 -19.32 -9.88
N GLY C 87 -23.65 -19.80 -9.70
CA GLY C 87 -23.12 -20.86 -10.54
C GLY C 87 -21.93 -20.41 -11.36
N GLU C 88 -21.61 -21.18 -12.40
CA GLU C 88 -20.51 -20.88 -13.31
C GLU C 88 -20.80 -19.68 -14.19
N ASN C 89 -21.97 -19.09 -13.97
CA ASN C 89 -22.41 -17.92 -14.70
C ASN C 89 -22.09 -16.66 -13.88
N LYS C 90 -21.32 -16.84 -12.80
CA LYS C 90 -20.93 -15.72 -11.97
C LYS C 90 -20.03 -14.81 -12.80
N CYS C 91 -20.43 -13.55 -12.90
CA CYS C 91 -19.70 -12.54 -13.67
C CYS C 91 -19.73 -12.88 -15.17
N ALA C 92 -20.62 -13.79 -15.57
CA ALA C 92 -20.71 -14.22 -16.97
C ALA C 92 -21.18 -13.09 -17.89
N PHE C 93 -20.90 -13.26 -19.18
CA PHE C 93 -21.30 -12.30 -20.21
C PHE C 93 -22.58 -12.81 -20.86
N SER C 94 -22.84 -14.11 -20.73
CA SER C 94 -24.06 -14.67 -21.28
C SER C 94 -25.27 -14.06 -20.55
N SER C 95 -26.47 -14.58 -20.78
CA SER C 95 -27.66 -14.04 -20.13
C SER C 95 -27.97 -14.79 -18.87
N GLN C 96 -27.04 -15.66 -18.47
CA GLN C 96 -27.21 -16.49 -17.28
C GLN C 96 -26.84 -15.69 -16.01
N GLU C 97 -26.41 -14.46 -16.22
CA GLU C 97 -26.03 -13.54 -15.16
C GLU C 97 -27.17 -12.53 -15.11
N PRO C 98 -28.16 -12.73 -14.21
CA PRO C 98 -29.31 -11.84 -14.03
C PRO C 98 -29.03 -10.35 -14.01
N TYR C 99 -27.76 -9.98 -13.84
CA TYR C 99 -27.39 -8.57 -13.81
C TYR C 99 -26.55 -8.21 -15.02
N PHE C 100 -26.58 -9.09 -16.01
CA PHE C 100 -25.86 -8.87 -17.26
C PHE C 100 -26.73 -7.86 -18.00
N SER C 101 -26.16 -7.07 -18.80
CA SER C 101 -26.72 -6.03 -19.66
C SER C 101 -27.66 -5.01 -18.87
N TYR C 102 -28.08 -4.03 -19.60
CA TYR C 102 -28.92 -2.91 -19.14
C TYR C 102 -29.83 -3.29 -17.96
N SER C 103 -31.02 -3.84 -18.22
CA SER C 103 -31.95 -4.18 -17.14
C SER C 103 -31.29 -4.91 -16.00
N GLY C 104 -30.55 -5.98 -16.29
CA GLY C 104 -29.89 -6.72 -15.23
C GLY C 104 -29.03 -5.81 -14.37
N ALA C 105 -28.14 -5.06 -15.01
CA ALA C 105 -27.25 -4.13 -14.33
C ALA C 105 -28.07 -3.17 -13.49
N PHE C 106 -29.20 -2.73 -14.03
CA PHE C 106 -30.05 -1.83 -13.29
C PHE C 106 -30.71 -2.59 -12.12
N LYS C 107 -31.06 -3.85 -12.35
CA LYS C 107 -31.69 -4.67 -11.32
C LYS C 107 -30.64 -4.92 -10.23
N CYS C 108 -29.38 -4.68 -10.55
CA CYS C 108 -28.31 -4.83 -9.57
C CYS C 108 -28.50 -3.68 -8.58
N LEU C 109 -28.95 -2.53 -9.10
CA LEU C 109 -29.22 -1.35 -8.27
C LEU C 109 -30.48 -1.62 -7.43
N LYS C 110 -31.47 -2.28 -8.01
CA LYS C 110 -32.73 -2.60 -7.32
C LYS C 110 -32.60 -3.44 -6.05
N ASP C 111 -31.72 -4.43 -6.05
CA ASP C 111 -31.54 -5.29 -4.88
C ASP C 111 -30.37 -4.83 -4.00
N GLY C 112 -30.16 -3.61 -3.83
CA GLY C 112 -29.24 -2.85 -2.97
C GLY C 112 -27.77 -3.38 -2.96
N ALA C 113 -27.34 -4.04 -3.96
CA ALA C 113 -25.96 -4.51 -4.08
C ALA C 113 -25.08 -3.31 -4.51
N GLY C 114 -25.50 -2.71 -5.62
CA GLY C 114 -24.82 -1.56 -6.16
C GLY C 114 -25.48 -0.27 -5.69
N ASP C 115 -24.75 0.83 -5.81
CA ASP C 115 -25.24 2.14 -5.39
C ASP C 115 -25.35 3.03 -6.61
N VAL C 116 -24.46 2.78 -7.58
CA VAL C 116 -24.49 3.48 -8.85
C VAL C 116 -24.55 2.35 -9.88
N ALA C 117 -25.33 2.56 -10.93
CA ALA C 117 -25.49 1.61 -12.00
C ALA C 117 -25.45 2.41 -13.29
N PHE C 118 -24.55 2.01 -14.17
CA PHE C 118 -24.42 2.70 -15.44
C PHE C 118 -25.22 1.90 -16.45
N ILE C 119 -26.45 2.36 -16.68
CA ILE C 119 -27.38 1.76 -17.61
C ILE C 119 -28.08 2.92 -18.32
N ARG C 120 -28.29 2.77 -19.64
CA ARG C 120 -28.91 3.80 -20.46
C ARG C 120 -30.15 4.49 -19.90
N GLU C 121 -30.18 5.80 -20.09
CA GLU C 121 -31.29 6.68 -19.66
C GLU C 121 -32.56 6.36 -20.42
N SER C 122 -33.03 5.14 -20.20
CA SER C 122 -34.21 4.62 -20.85
C SER C 122 -34.58 3.39 -20.01
N THR C 123 -33.57 2.55 -19.78
CA THR C 123 -33.73 1.31 -19.01
C THR C 123 -34.60 1.52 -17.78
N VAL C 124 -34.00 2.08 -16.73
CA VAL C 124 -34.68 2.36 -15.45
C VAL C 124 -36.19 2.59 -15.55
N PHE C 125 -36.57 3.51 -16.43
CA PHE C 125 -37.98 3.83 -16.65
C PHE C 125 -38.70 2.63 -17.22
N GLU C 126 -38.21 2.15 -18.36
CA GLU C 126 -38.79 1.00 -19.03
C GLU C 126 -38.95 -0.09 -17.97
N ASP C 127 -37.89 -0.26 -17.19
CA ASP C 127 -37.83 -1.26 -16.13
C ASP C 127 -38.94 -1.00 -15.13
N LEU C 128 -38.71 -0.05 -14.24
CA LEU C 128 -39.70 0.29 -13.23
C LEU C 128 -40.76 1.17 -13.87
N SER C 129 -41.78 0.50 -14.41
CA SER C 129 -42.91 1.14 -15.06
C SER C 129 -44.02 1.47 -14.06
N ASP C 130 -43.65 1.59 -12.79
CA ASP C 130 -44.59 1.91 -11.71
C ASP C 130 -44.26 3.28 -11.12
N GLU C 131 -45.27 4.14 -11.13
CA GLU C 131 -45.19 5.52 -10.66
C GLU C 131 -44.29 5.86 -9.48
N ALA C 132 -44.56 5.27 -8.31
CA ALA C 132 -43.79 5.54 -7.09
C ALA C 132 -42.30 5.23 -7.22
N GLU C 133 -41.97 4.00 -7.59
CA GLU C 133 -40.58 3.57 -7.73
C GLU C 133 -39.82 4.43 -8.74
N ARG C 134 -40.54 4.89 -9.77
CA ARG C 134 -39.97 5.75 -10.79
C ARG C 134 -39.48 7.04 -10.13
N ASP C 135 -40.15 7.40 -9.04
CA ASP C 135 -39.82 8.60 -8.29
C ASP C 135 -38.75 8.28 -7.24
N GLU C 136 -38.55 7.00 -6.99
CA GLU C 136 -37.59 6.53 -5.98
C GLU C 136 -36.14 6.33 -6.44
N TYR C 137 -35.74 7.03 -7.50
CA TYR C 137 -34.37 6.90 -8.02
C TYR C 137 -33.80 8.25 -8.43
N GLU C 138 -32.48 8.42 -8.29
CA GLU C 138 -31.82 9.67 -8.64
C GLU C 138 -30.83 9.46 -9.81
N LEU C 139 -30.32 10.56 -10.38
CA LEU C 139 -29.39 10.47 -11.51
C LEU C 139 -28.25 11.47 -11.42
N LEU C 140 -27.00 10.98 -11.39
CA LEU C 140 -25.81 11.84 -11.32
C LEU C 140 -25.52 12.50 -12.66
N CYS C 141 -25.43 13.82 -12.62
CA CYS C 141 -25.15 14.62 -13.80
C CYS C 141 -23.71 15.12 -13.71
N PRO C 142 -23.00 15.18 -14.85
CA PRO C 142 -21.62 15.63 -14.95
C PRO C 142 -21.25 16.82 -14.06
N ASP C 143 -22.15 17.80 -13.96
CA ASP C 143 -21.89 18.97 -13.12
C ASP C 143 -22.20 18.69 -11.63
N ASN C 144 -21.94 17.44 -11.22
CA ASN C 144 -22.16 16.99 -9.85
C ASN C 144 -23.48 17.37 -9.23
N THR C 145 -24.55 17.28 -10.01
CA THR C 145 -25.89 17.58 -9.54
C THR C 145 -26.68 16.27 -9.64
N ARG C 146 -27.47 15.95 -8.63
CA ARG C 146 -28.25 14.72 -8.64
C ARG C 146 -29.67 14.94 -9.23
N LYS C 147 -29.70 15.30 -10.51
CA LYS C 147 -30.95 15.57 -11.25
C LYS C 147 -31.71 14.27 -11.53
N PRO C 148 -33.06 14.31 -11.46
CA PRO C 148 -33.96 13.17 -11.68
C PRO C 148 -33.91 12.56 -13.09
N VAL C 149 -34.33 11.29 -13.16
CA VAL C 149 -34.35 10.54 -14.40
C VAL C 149 -34.99 11.31 -15.53
N ASP C 150 -36.12 11.95 -15.24
CA ASP C 150 -36.82 12.72 -16.25
C ASP C 150 -35.94 13.82 -16.84
N LYS C 151 -34.95 14.26 -16.07
CA LYS C 151 -34.05 15.30 -16.51
C LYS C 151 -32.79 14.79 -17.22
N PHE C 152 -32.80 13.50 -17.59
CA PHE C 152 -31.63 12.89 -18.24
C PHE C 152 -31.05 13.69 -19.41
N LYS C 153 -31.91 14.42 -20.11
CA LYS C 153 -31.46 15.21 -21.24
C LYS C 153 -30.32 16.12 -20.80
N ASP C 154 -30.37 16.56 -19.54
CA ASP C 154 -29.33 17.42 -18.98
C ASP C 154 -28.35 16.56 -18.19
N CYS C 155 -28.90 15.69 -17.34
CA CYS C 155 -28.13 14.80 -16.48
C CYS C 155 -27.39 13.68 -17.22
N HIS C 156 -26.96 13.92 -18.46
CA HIS C 156 -26.23 12.89 -19.19
C HIS C 156 -24.74 13.14 -19.23
N LEU C 157 -23.99 12.07 -19.00
CA LEU C 157 -22.54 12.09 -18.98
C LEU C 157 -21.97 12.48 -20.36
N ALA C 158 -21.91 11.52 -21.28
CA ALA C 158 -21.42 11.78 -22.63
C ALA C 158 -22.56 11.58 -23.63
N ARG C 159 -22.34 11.93 -24.91
CA ARG C 159 -23.38 11.73 -25.92
C ARG C 159 -22.96 10.51 -26.77
#